data_7E6J
#
_entry.id   7E6J
#
_cell.length_a   50.237
_cell.length_b   86.841
_cell.length_c   123.542
_cell.angle_alpha   90.000
_cell.angle_beta   90.000
_cell.angle_gamma   90.000
#
_symmetry.space_group_name_H-M   'P 21 21 21'
#
loop_
_entity.id
_entity.type
_entity.pdbx_description
1 polymer 'Aspartyl/asparaginyl beta-hydroxylase'
2 polymer 'Peptide from Factor X light chain'
3 non-polymer GLYCEROL
4 non-polymer 'PROPANOIC ACID'
5 water water
#
loop_
_entity_poly.entity_id
_entity_poly.type
_entity_poly.pdbx_seq_one_letter_code
_entity_poly.pdbx_strand_id
1 'polypeptide(L)'
;KPKLLNKFDKTIKAELDAAEKLRKRGKIEEAVNAFKELVRKYPQSPRARYGKAQCEDDLAEKRRSNEVLRGAIETYQEVA
SLPDVPADLLKLSLKRRSDRQQFLGHMRGSLLTLQRLVQLFPNDTSLKNDLGVGYLLIGDNDNAKKVYEEVLSVTPNDGF
AKVHYGFILKAQNKIAESIPYLKEGIESGDPGTDDGRFYFHLGDAMQRVGNKEAYKWYELGHKRGHFASVWQRSLYNVNG
LKAQPWWTPKETGYTELVKSLERNWKLIRDEGLAVMDKAKGLFLPEDENLREKGDWSQFTLWQQGRRNENACKGAPKTCT
LLEKFPETTGCRRGQIKYSIMHPGTHVWPHTGPTNCRLRMHLGLVIPKEGCKIRCANETKTWEEGKVLIFDDSFEAEVWQ
DASSFRLIFIVDVWHPELTPQQRRSLPAI
;
A
2 'polypeptide(L)' DGDQSETSPSQNQGKCKDGLGEYTCTSLEGFEGKNSELF B
#
# COMPACT_ATOMS: atom_id res chain seq x y z
N LYS A 1 -24.29 -0.05 25.86
CA LYS A 1 -23.20 0.77 26.37
C LYS A 1 -23.32 2.23 25.94
N PRO A 2 -23.32 2.48 24.63
CA PRO A 2 -23.30 3.87 24.15
C PRO A 2 -24.61 4.58 24.38
N LYS A 3 -24.51 5.85 24.78
CA LYS A 3 -25.67 6.71 25.01
C LYS A 3 -25.88 7.56 23.77
N LEU A 4 -26.90 7.23 22.99
CA LEU A 4 -27.14 7.88 21.70
C LEU A 4 -28.39 8.74 21.67
N LEU A 5 -29.20 8.75 22.72
CA LEU A 5 -30.48 9.44 22.73
C LEU A 5 -30.40 10.66 23.64
N ASN A 6 -30.62 11.85 23.06
CA ASN A 6 -30.71 13.06 23.88
C ASN A 6 -32.11 13.11 24.49
N LYS A 7 -32.46 14.21 25.15
CA LYS A 7 -33.69 14.24 25.93
C LYS A 7 -34.90 14.01 25.03
N PHE A 8 -34.98 14.71 23.90
CA PHE A 8 -36.13 14.55 23.02
C PHE A 8 -36.18 13.17 22.41
N ASP A 9 -35.02 12.65 21.99
CA ASP A 9 -35.00 11.35 21.33
C ASP A 9 -35.50 10.24 22.24
N LYS A 10 -35.36 10.40 23.56
CA LYS A 10 -35.91 9.41 24.47
C LYS A 10 -37.42 9.36 24.41
N THR A 11 -38.08 10.48 24.07
CA THR A 11 -39.53 10.50 24.00
C THR A 11 -40.08 9.84 22.74
N ILE A 12 -39.23 9.65 21.72
CA ILE A 12 -39.63 9.00 20.49
C ILE A 12 -38.88 7.67 20.30
N LYS A 13 -38.41 7.08 21.40
CA LYS A 13 -37.61 5.86 21.31
C LYS A 13 -38.37 4.74 20.62
N ALA A 14 -39.68 4.65 20.82
CA ALA A 14 -40.45 3.58 20.18
C ALA A 14 -40.38 3.69 18.66
N GLU A 15 -40.52 4.91 18.13
CA GLU A 15 -40.42 5.10 16.68
C GLU A 15 -39.01 4.85 16.18
N LEU A 16 -38.01 5.31 16.93
CA LEU A 16 -36.62 5.10 16.52
C LEU A 16 -36.27 3.62 16.48
N ASP A 17 -36.69 2.87 17.51
CA ASP A 17 -36.40 1.44 17.55
C ASP A 17 -37.08 0.71 16.39
N ALA A 18 -38.32 1.07 16.09
CA ALA A 18 -39.04 0.41 15.00
C ALA A 18 -38.30 0.59 13.68
N ALA A 19 -37.78 1.78 13.42
CA ALA A 19 -37.02 2.02 12.19
C ALA A 19 -35.71 1.24 12.22
N GLU A 20 -35.01 1.26 13.35
CA GLU A 20 -33.74 0.54 13.45
C GLU A 20 -33.93 -0.96 13.32
N LYS A 21 -35.05 -1.49 13.81
CA LYS A 21 -35.30 -2.92 13.66
C LYS A 21 -35.44 -3.30 12.20
N LEU A 22 -36.05 -2.43 11.39
CA LEU A 22 -36.14 -2.71 9.96
C LEU A 22 -34.74 -2.80 9.33
N ARG A 23 -33.82 -1.93 9.75
CA ARG A 23 -32.47 -1.98 9.22
C ARG A 23 -31.74 -3.24 9.65
N LYS A 24 -31.88 -3.63 10.92
CA LYS A 24 -31.19 -4.81 11.42
C LYS A 24 -31.74 -6.10 10.82
N ARG A 25 -32.97 -6.08 10.30
N ARG A 25 -32.97 -6.07 10.29
CA ARG A 25 -33.53 -7.24 9.62
CA ARG A 25 -33.56 -7.22 9.61
C ARG A 25 -33.24 -7.25 8.13
C ARG A 25 -33.21 -7.27 8.13
N GLY A 26 -32.44 -6.30 7.64
CA GLY A 26 -32.03 -6.30 6.26
C GLY A 26 -32.97 -5.63 5.28
N LYS A 27 -34.09 -5.08 5.76
CA LYS A 27 -35.03 -4.37 4.90
C LYS A 27 -34.56 -2.92 4.77
N ILE A 28 -33.47 -2.76 4.02
CA ILE A 28 -32.76 -1.48 3.98
C ILE A 28 -33.65 -0.39 3.38
N GLU A 29 -34.34 -0.69 2.29
CA GLU A 29 -35.14 0.34 1.63
C GLU A 29 -36.32 0.76 2.50
N GLU A 30 -36.95 -0.19 3.19
CA GLU A 30 -38.01 0.16 4.13
C GLU A 30 -37.44 0.97 5.29
N ALA A 31 -36.20 0.69 5.69
CA ALA A 31 -35.61 1.42 6.81
C ALA A 31 -35.26 2.84 6.40
N VAL A 32 -34.81 3.04 5.17
CA VAL A 32 -34.52 4.38 4.67
C VAL A 32 -35.77 5.26 4.77
N ASN A 33 -36.87 4.80 4.17
CA ASN A 33 -38.09 5.62 4.17
C ASN A 33 -38.64 5.81 5.57
N ALA A 34 -38.44 4.82 6.46
CA ALA A 34 -38.86 4.99 7.85
C ALA A 34 -38.04 6.06 8.54
N PHE A 35 -36.71 5.99 8.44
CA PHE A 35 -35.89 7.02 9.04
C PHE A 35 -36.05 8.36 8.34
N LYS A 36 -36.24 8.33 7.01
CA LYS A 36 -36.52 9.58 6.31
C LYS A 36 -37.82 10.20 6.80
N GLU A 37 -38.82 9.37 7.07
CA GLU A 37 -40.06 9.88 7.65
C GLU A 37 -39.82 10.50 9.02
N LEU A 38 -38.97 9.87 9.83
CA LEU A 38 -38.68 10.43 11.15
C LEU A 38 -37.89 11.73 11.04
N VAL A 39 -36.97 11.81 10.06
CA VAL A 39 -36.24 13.05 9.85
C VAL A 39 -37.19 14.15 9.41
N ARG A 40 -38.17 13.81 8.57
CA ARG A 40 -39.19 14.79 8.21
C ARG A 40 -39.97 15.24 9.44
N LYS A 41 -40.46 14.28 10.23
CA LYS A 41 -41.32 14.61 11.37
C LYS A 41 -40.50 15.27 12.47
N TYR A 42 -39.28 14.80 12.71
CA TYR A 42 -38.42 15.30 13.77
C TYR A 42 -37.10 15.75 13.16
N PRO A 43 -37.09 16.89 12.46
CA PRO A 43 -35.89 17.28 11.69
C PRO A 43 -34.67 17.59 12.55
N GLN A 44 -34.82 17.68 13.87
CA GLN A 44 -33.69 17.95 14.75
C GLN A 44 -33.22 16.71 15.50
N SER A 45 -33.85 15.58 15.29
CA SER A 45 -33.49 14.37 16.01
C SER A 45 -32.14 13.86 15.55
N PRO A 46 -31.12 13.81 16.43
CA PRO A 46 -29.84 13.24 15.98
C PRO A 46 -29.91 11.74 15.74
N ARG A 47 -30.64 11.00 16.57
CA ARG A 47 -30.73 9.56 16.37
C ARG A 47 -31.46 9.23 15.08
N ALA A 48 -32.46 10.02 14.70
CA ALA A 48 -33.13 9.80 13.42
C ALA A 48 -32.19 10.06 12.26
N ARG A 49 -31.43 11.15 12.33
CA ARG A 49 -30.50 11.48 11.26
C ARG A 49 -29.42 10.41 11.12
N TYR A 50 -28.93 9.91 12.26
CA TYR A 50 -27.93 8.84 12.24
C TYR A 50 -28.52 7.56 11.66
N GLY A 51 -29.78 7.25 11.99
CA GLY A 51 -30.43 6.11 11.37
C GLY A 51 -30.50 6.23 9.87
N LYS A 52 -30.84 7.43 9.38
CA LYS A 52 -30.84 7.66 7.94
C LYS A 52 -29.45 7.44 7.35
N ALA A 53 -28.42 7.99 8.00
CA ALA A 53 -27.05 7.81 7.50
C ALA A 53 -26.67 6.33 7.44
N GLN A 54 -26.93 5.61 8.53
CA GLN A 54 -26.57 4.19 8.56
C GLN A 54 -27.31 3.42 7.46
N CYS A 55 -28.59 3.74 7.23
CA CYS A 55 -29.33 3.08 6.17
C CYS A 55 -28.74 3.39 4.80
N GLU A 56 -28.36 4.65 4.58
CA GLU A 56 -27.70 5.01 3.32
C GLU A 56 -26.37 4.28 3.19
N ASP A 57 -25.64 4.17 4.30
CA ASP A 57 -24.39 3.42 4.32
C ASP A 57 -24.61 1.97 3.92
N ASP A 58 -25.63 1.34 4.51
CA ASP A 58 -25.96 -0.04 4.12
C ASP A 58 -26.42 -0.10 2.67
N LEU A 59 -27.25 0.84 2.24
CA LEU A 59 -27.72 0.84 0.85
C LEU A 59 -26.55 0.97 -0.11
N ALA A 60 -25.54 1.76 0.25
CA ALA A 60 -24.36 1.88 -0.58
C ALA A 60 -23.64 0.54 -0.70
N GLU A 61 -23.54 -0.20 0.41
CA GLU A 61 -22.93 -1.52 0.37
C GLU A 61 -23.73 -2.47 -0.52
N LYS A 62 -25.05 -2.47 -0.37
CA LYS A 62 -25.89 -3.36 -1.16
C LYS A 62 -25.75 -3.08 -2.65
N ARG A 63 -25.81 -1.80 -3.02
CA ARG A 63 -25.69 -1.41 -4.41
C ARG A 63 -24.25 -1.24 -4.89
N ARG A 64 -23.29 -1.20 -3.97
CA ARG A 64 -21.89 -0.93 -4.31
C ARG A 64 -21.78 0.39 -5.06
N SER A 65 -22.37 1.44 -4.49
CA SER A 65 -22.52 2.73 -5.14
C SER A 65 -21.72 3.78 -4.38
N ASN A 66 -20.82 4.47 -5.09
CA ASN A 66 -20.10 5.59 -4.48
C ASN A 66 -21.03 6.78 -4.27
N GLU A 67 -21.95 7.02 -5.20
CA GLU A 67 -22.86 8.15 -5.06
C GLU A 67 -23.72 8.01 -3.81
N VAL A 68 -24.29 6.82 -3.58
CA VAL A 68 -25.09 6.61 -2.40
C VAL A 68 -24.25 6.80 -1.14
N LEU A 69 -22.98 6.37 -1.19
CA LEU A 69 -22.12 6.54 -0.03
C LEU A 69 -21.79 8.00 0.20
N ARG A 70 -21.65 8.80 -0.87
CA ARG A 70 -21.45 10.22 -0.69
C ARG A 70 -22.64 10.86 0.01
N GLY A 71 -23.85 10.39 -0.28
CA GLY A 71 -25.01 10.84 0.48
C GLY A 71 -24.90 10.52 1.95
N ALA A 72 -24.54 9.27 2.26
CA ALA A 72 -24.36 8.87 3.65
C ALA A 72 -23.33 9.75 4.35
N ILE A 73 -22.21 10.02 3.66
CA ILE A 73 -21.15 10.84 4.24
C ILE A 73 -21.68 12.22 4.63
N GLU A 74 -22.54 12.81 3.79
CA GLU A 74 -23.11 14.10 4.13
C GLU A 74 -24.09 13.98 5.31
N THR A 75 -24.85 12.88 5.37
CA THR A 75 -25.81 12.74 6.45
C THR A 75 -25.11 12.53 7.79
N TYR A 76 -24.01 11.77 7.80
CA TYR A 76 -23.19 11.67 9.01
C TYR A 76 -22.77 13.06 9.48
N GLN A 77 -22.45 13.95 8.53
CA GLN A 77 -22.10 15.32 8.88
C GLN A 77 -23.28 16.06 9.47
N GLU A 78 -24.47 15.87 8.88
CA GLU A 78 -25.67 16.54 9.38
C GLU A 78 -25.93 16.18 10.84
N VAL A 79 -25.72 14.91 11.21
CA VAL A 79 -25.87 14.51 12.61
C VAL A 79 -25.10 15.46 13.52
N ALA A 80 -23.82 15.71 13.18
CA ALA A 80 -22.98 16.54 14.01
C ALA A 80 -23.40 18.01 14.00
N SER A 81 -24.20 18.42 13.02
CA SER A 81 -24.66 19.80 12.95
C SER A 81 -25.86 20.07 13.86
N LEU A 82 -26.55 19.03 14.31
CA LEU A 82 -27.80 19.20 15.01
C LEU A 82 -27.56 19.66 16.44
N PRO A 83 -28.55 20.27 17.09
CA PRO A 83 -28.38 20.67 18.48
C PRO A 83 -28.46 19.47 19.42
N ASP A 84 -27.67 19.55 20.49
CA ASP A 84 -27.81 18.63 21.62
C ASP A 84 -27.56 17.18 21.20
N VAL A 85 -26.48 16.97 20.45
CA VAL A 85 -26.07 15.63 20.02
C VAL A 85 -25.25 14.98 21.13
N PRO A 86 -25.66 13.81 21.65
CA PRO A 86 -24.87 13.15 22.68
C PRO A 86 -23.46 12.84 22.20
N ALA A 87 -22.50 12.91 23.13
CA ALA A 87 -21.10 12.78 22.77
C ALA A 87 -20.82 11.46 22.06
N ASP A 88 -21.38 10.36 22.57
CA ASP A 88 -21.16 9.06 21.93
C ASP A 88 -21.61 9.07 20.48
N LEU A 89 -22.79 9.63 20.21
CA LEU A 89 -23.32 9.61 18.85
C LEU A 89 -22.52 10.53 17.94
N LEU A 90 -22.13 11.70 18.46
CA LEU A 90 -21.28 12.61 17.69
C LEU A 90 -19.98 11.92 17.28
N LYS A 91 -19.37 11.19 18.20
CA LYS A 91 -18.11 10.50 17.90
C LYS A 91 -18.34 9.39 16.88
N LEU A 92 -19.39 8.58 17.07
CA LEU A 92 -19.67 7.51 16.13
C LEU A 92 -19.91 8.04 14.72
N SER A 93 -20.67 9.13 14.61
N SER A 93 -20.69 9.13 14.60
CA SER A 93 -21.06 9.64 13.30
CA SER A 93 -21.06 9.64 13.29
C SER A 93 -19.86 10.17 12.52
C SER A 93 -19.84 10.15 12.53
N LEU A 94 -19.01 10.97 13.18
CA LEU A 94 -17.87 11.55 12.50
C LEU A 94 -16.78 10.51 12.24
N LYS A 95 -16.65 9.51 13.12
CA LYS A 95 -15.68 8.45 12.87
C LYS A 95 -16.05 7.65 11.64
N ARG A 96 -17.32 7.24 11.52
CA ARG A 96 -17.74 6.53 10.32
C ARG A 96 -17.63 7.42 9.08
N ARG A 97 -17.97 8.71 9.22
CA ARG A 97 -17.80 9.64 8.11
C ARG A 97 -16.37 9.61 7.60
N SER A 98 -15.40 9.78 8.50
CA SER A 98 -14.00 9.77 8.10
C SER A 98 -13.65 8.44 7.44
N ASP A 99 -14.03 7.33 8.07
CA ASP A 99 -13.71 6.01 7.53
C ASP A 99 -14.28 5.86 6.12
N ARG A 100 -15.52 6.30 5.89
CA ARG A 100 -16.11 6.18 4.56
C ARG A 100 -15.46 7.15 3.58
N GLN A 101 -15.06 8.33 4.04
CA GLN A 101 -14.31 9.25 3.18
C GLN A 101 -13.01 8.61 2.71
N GLN A 102 -12.28 7.95 3.62
CA GLN A 102 -11.08 7.24 3.22
C GLN A 102 -11.40 6.14 2.22
N PHE A 103 -12.49 5.42 2.44
CA PHE A 103 -12.87 4.35 1.53
C PHE A 103 -13.03 4.86 0.10
N LEU A 104 -13.60 6.06 -0.06
CA LEU A 104 -13.78 6.64 -1.38
C LEU A 104 -12.53 7.34 -1.90
N GLY A 105 -11.48 7.47 -1.10
CA GLY A 105 -10.30 8.20 -1.50
C GLY A 105 -10.36 9.69 -1.24
N HIS A 106 -11.34 10.15 -0.47
CA HIS A 106 -11.42 11.55 -0.06
C HIS A 106 -10.52 11.75 1.16
N MET A 107 -9.22 11.67 0.92
CA MET A 107 -8.26 11.70 2.03
C MET A 107 -8.20 13.07 2.67
N ARG A 108 -8.25 14.14 1.86
CA ARG A 108 -8.30 15.49 2.42
C ARG A 108 -9.58 15.69 3.22
N GLY A 109 -10.71 15.17 2.72
CA GLY A 109 -11.95 15.28 3.46
C GLY A 109 -11.88 14.54 4.79
N SER A 110 -11.38 13.30 4.76
CA SER A 110 -11.20 12.55 6.00
C SER A 110 -10.33 13.31 6.98
N LEU A 111 -9.27 13.95 6.48
CA LEU A 111 -8.35 14.66 7.38
C LEU A 111 -9.07 15.78 8.11
N LEU A 112 -9.87 16.57 7.39
CA LEU A 112 -10.67 17.61 8.04
C LEU A 112 -11.59 17.00 9.08
N THR A 113 -12.23 15.88 8.76
CA THR A 113 -13.11 15.24 9.72
C THR A 113 -12.32 14.78 10.95
N LEU A 114 -11.17 14.15 10.73
CA LEU A 114 -10.35 13.71 11.85
C LEU A 114 -9.85 14.88 12.68
N GLN A 115 -9.47 15.98 12.03
CA GLN A 115 -9.07 17.17 12.77
C GLN A 115 -10.21 17.68 13.64
N ARG A 116 -11.44 17.66 13.11
CA ARG A 116 -12.59 18.09 13.90
C ARG A 116 -12.81 17.15 15.08
N LEU A 117 -12.65 15.84 14.86
CA LEU A 117 -12.81 14.88 15.96
C LEU A 117 -11.83 15.18 17.10
N VAL A 118 -10.56 15.43 16.76
CA VAL A 118 -9.58 15.69 17.81
C VAL A 118 -9.86 17.01 18.51
N GLN A 119 -10.41 17.98 17.79
CA GLN A 119 -10.77 19.25 18.42
C GLN A 119 -11.96 19.07 19.36
N LEU A 120 -12.93 18.24 18.98
CA LEU A 120 -14.10 18.02 19.82
C LEU A 120 -13.79 17.13 21.02
N PHE A 121 -12.81 16.23 20.89
CA PHE A 121 -12.49 15.24 21.92
C PHE A 121 -10.98 15.28 22.17
N PRO A 122 -10.49 16.35 22.83
CA PRO A 122 -9.03 16.55 22.92
C PRO A 122 -8.30 15.53 23.77
N ASN A 123 -8.99 14.70 24.56
CA ASN A 123 -8.33 13.72 25.40
C ASN A 123 -8.49 12.30 24.91
N ASP A 124 -9.14 12.09 23.76
CA ASP A 124 -9.29 10.77 23.17
C ASP A 124 -8.01 10.44 22.40
N THR A 125 -7.15 9.62 22.99
CA THR A 125 -5.88 9.28 22.36
C THR A 125 -6.08 8.52 21.05
N SER A 126 -7.10 7.64 21.00
CA SER A 126 -7.30 6.85 19.79
C SER A 126 -7.64 7.74 18.59
N LEU A 127 -8.31 8.87 18.82
CA LEU A 127 -8.64 9.76 17.72
C LEU A 127 -7.40 10.46 17.18
N LYS A 128 -6.46 10.83 18.06
CA LYS A 128 -5.20 11.39 17.57
C LYS A 128 -4.44 10.37 16.75
N ASN A 129 -4.40 9.12 17.22
CA ASN A 129 -3.80 8.05 16.43
C ASN A 129 -4.47 7.95 15.05
N ASP A 130 -5.79 8.07 15.00
CA ASP A 130 -6.48 8.02 13.72
C ASP A 130 -6.11 9.21 12.84
N LEU A 131 -5.97 10.40 13.44
CA LEU A 131 -5.54 11.56 12.68
C LEU A 131 -4.18 11.31 12.04
N GLY A 132 -3.26 10.69 12.77
CA GLY A 132 -1.96 10.37 12.20
C GLY A 132 -2.07 9.44 11.01
N VAL A 133 -2.97 8.46 11.07
CA VAL A 133 -3.20 7.58 9.94
C VAL A 133 -3.71 8.39 8.75
N GLY A 134 -4.58 9.37 9.00
CA GLY A 134 -5.04 10.23 7.93
C GLY A 134 -3.90 10.94 7.23
N TYR A 135 -2.91 11.41 8.00
CA TYR A 135 -1.76 12.06 7.38
C TYR A 135 -0.91 11.05 6.60
N LEU A 136 -0.66 9.89 7.19
CA LEU A 136 0.08 8.84 6.48
C LEU A 136 -0.58 8.53 5.14
N LEU A 137 -1.92 8.48 5.11
CA LEU A 137 -2.61 8.08 3.89
C LEU A 137 -2.47 9.10 2.78
N ILE A 138 -2.30 10.40 3.11
CA ILE A 138 -2.03 11.39 2.09
C ILE A 138 -0.54 11.59 1.84
N GLY A 139 0.32 10.83 2.53
CA GLY A 139 1.74 10.97 2.34
C GLY A 139 2.39 12.10 3.10
N ASP A 140 1.72 12.62 4.14
CA ASP A 140 2.24 13.73 4.92
C ASP A 140 2.90 13.17 6.17
N ASN A 141 4.12 12.65 5.99
CA ASN A 141 4.80 11.97 7.09
C ASN A 141 5.26 12.96 8.16
N ASP A 142 5.51 14.20 7.79
CA ASP A 142 5.94 15.19 8.78
C ASP A 142 4.83 15.48 9.79
N ASN A 143 3.61 15.72 9.31
CA ASN A 143 2.50 15.96 10.23
C ASN A 143 2.12 14.67 10.97
N ALA A 144 2.20 13.53 10.30
CA ALA A 144 1.96 12.27 11.01
C ALA A 144 2.96 12.10 12.14
N LYS A 145 4.22 12.46 11.90
CA LYS A 145 5.24 12.32 12.93
C LYS A 145 4.93 13.21 14.13
N LYS A 146 4.47 14.45 13.87
CA LYS A 146 4.15 15.34 14.97
C LYS A 146 2.95 14.83 15.77
N VAL A 147 1.97 14.23 15.09
CA VAL A 147 0.81 13.70 15.81
C VAL A 147 1.23 12.61 16.78
N TYR A 148 2.07 11.68 16.32
CA TYR A 148 2.47 10.56 17.18
C TYR A 148 3.46 11.00 18.26
N GLU A 149 4.25 12.04 17.99
CA GLU A 149 5.09 12.60 19.05
C GLU A 149 4.23 13.22 20.15
N GLU A 150 3.09 13.81 19.79
CA GLU A 150 2.20 14.36 20.79
C GLU A 150 1.52 13.25 21.60
N VAL A 151 1.10 12.17 20.93
CA VAL A 151 0.50 11.05 21.64
C VAL A 151 1.49 10.44 22.61
N LEU A 152 2.74 10.25 22.18
CA LEU A 152 3.72 9.58 23.02
C LEU A 152 4.20 10.47 24.16
N SER A 153 4.07 11.79 24.05
CA SER A 153 4.43 12.65 25.17
C SER A 153 3.46 12.50 26.32
N VAL A 154 2.21 12.13 26.03
CA VAL A 154 1.18 11.95 27.05
C VAL A 154 1.07 10.49 27.48
N THR A 155 1.02 9.57 26.51
N THR A 155 1.05 9.58 26.52
CA THR A 155 0.92 8.14 26.77
CA THR A 155 0.92 8.14 26.76
C THR A 155 2.14 7.48 26.14
C THR A 155 2.14 7.46 26.14
N PRO A 156 3.28 7.48 26.84
CA PRO A 156 4.51 6.98 26.22
C PRO A 156 4.45 5.52 25.80
N ASN A 157 3.57 4.71 26.37
CA ASN A 157 3.50 3.29 26.05
C ASN A 157 2.31 2.93 25.19
N ASP A 158 1.70 3.91 24.53
N ASP A 158 1.71 3.91 24.52
CA ASP A 158 0.68 3.63 23.53
CA ASP A 158 0.69 3.64 23.51
C ASP A 158 1.33 2.84 22.38
C ASP A 158 1.32 2.84 22.37
N GLY A 159 0.96 1.57 22.24
CA GLY A 159 1.61 0.72 21.27
C GLY A 159 1.32 1.11 19.84
N PHE A 160 0.09 1.56 19.58
CA PHE A 160 -0.28 2.00 18.23
C PHE A 160 0.56 3.19 17.80
N ALA A 161 0.80 4.14 18.70
CA ALA A 161 1.63 5.29 18.37
C ALA A 161 3.09 4.88 18.20
N LYS A 162 3.55 3.88 18.95
CA LYS A 162 4.93 3.43 18.82
C LYS A 162 5.18 2.83 17.44
N VAL A 163 4.36 1.87 17.02
CA VAL A 163 4.61 1.21 15.74
C VAL A 163 4.56 2.22 14.60
N HIS A 164 3.61 3.16 14.66
CA HIS A 164 3.50 4.15 13.60
C HIS A 164 4.64 5.16 13.66
N TYR A 165 5.08 5.52 14.86
CA TYR A 165 6.26 6.36 14.99
C TYR A 165 7.49 5.63 14.46
N GLY A 166 7.65 4.36 14.83
CA GLY A 166 8.75 3.57 14.28
C GLY A 166 8.67 3.46 12.78
N PHE A 167 7.47 3.27 12.25
CA PHE A 167 7.31 3.19 10.80
C PHE A 167 7.76 4.48 10.13
N ILE A 168 7.44 5.62 10.73
CA ILE A 168 7.84 6.90 10.15
C ILE A 168 9.35 7.08 10.23
N LEU A 169 9.94 6.76 11.37
CA LEU A 169 11.39 6.87 11.52
C LEU A 169 12.11 6.04 10.47
N LYS A 170 11.70 4.77 10.31
CA LYS A 170 12.37 3.93 9.34
C LYS A 170 12.22 4.50 7.92
N ALA A 171 11.03 5.01 7.59
CA ALA A 171 10.83 5.60 6.28
C ALA A 171 11.76 6.79 6.06
N GLN A 172 12.17 7.44 7.14
CA GLN A 172 13.12 8.55 7.07
C GLN A 172 14.57 8.07 7.11
N ASN A 173 14.80 6.76 7.07
CA ASN A 173 16.13 6.16 7.13
C ASN A 173 16.78 6.32 8.50
N LYS A 174 15.99 6.51 9.55
CA LYS A 174 16.50 6.49 10.92
C LYS A 174 16.37 5.08 11.47
N ILE A 175 17.22 4.20 10.94
CA ILE A 175 17.00 2.77 11.10
C ILE A 175 17.14 2.35 12.56
N ALA A 176 18.30 2.64 13.16
CA ALA A 176 18.52 2.25 14.55
C ALA A 176 17.43 2.81 15.46
N GLU A 177 17.06 4.08 15.26
CA GLU A 177 16.07 4.69 16.14
C GLU A 177 14.71 4.03 16.00
N SER A 178 14.39 3.47 14.83
CA SER A 178 13.07 2.90 14.60
C SER A 178 12.88 1.54 15.27
N ILE A 179 13.96 0.82 15.54
CA ILE A 179 13.84 -0.57 15.98
C ILE A 179 13.10 -0.68 17.32
N PRO A 180 13.49 0.05 18.37
CA PRO A 180 12.76 -0.11 19.65
C PRO A 180 11.29 0.27 19.56
N TYR A 181 10.94 1.28 18.76
CA TYR A 181 9.53 1.67 18.66
C TYR A 181 8.72 0.58 17.96
N LEU A 182 9.24 0.06 16.84
CA LEU A 182 8.56 -1.02 16.14
C LEU A 182 8.44 -2.26 17.01
N LYS A 183 9.54 -2.63 17.68
CA LYS A 183 9.54 -3.84 18.49
C LYS A 183 8.64 -3.67 19.72
N GLU A 184 8.87 -2.63 20.51
CA GLU A 184 8.03 -2.39 21.68
C GLU A 184 6.57 -2.23 21.28
N GLY A 185 6.31 -1.64 20.12
CA GLY A 185 4.92 -1.48 19.68
C GLY A 185 4.25 -2.79 19.37
N ILE A 186 4.92 -3.65 18.59
CA ILE A 186 4.36 -4.97 18.30
C ILE A 186 4.18 -5.75 19.59
N GLU A 187 5.21 -5.77 20.44
CA GLU A 187 5.14 -6.51 21.68
C GLU A 187 4.03 -6.02 22.61
N SER A 188 3.56 -4.77 22.43
CA SER A 188 2.49 -4.27 23.28
C SER A 188 1.18 -5.02 23.03
N GLY A 189 1.00 -5.55 21.83
CA GLY A 189 -0.25 -6.24 21.51
C GLY A 189 -1.45 -5.34 21.49
N ASP A 190 -1.28 -4.02 21.49
CA ASP A 190 -2.40 -3.11 21.44
C ASP A 190 -3.12 -3.25 20.10
N PRO A 191 -4.42 -2.98 20.07
CA PRO A 191 -5.15 -3.04 18.79
C PRO A 191 -4.46 -2.20 17.73
N GLY A 192 -4.28 -2.80 16.55
CA GLY A 192 -3.67 -2.11 15.43
C GLY A 192 -2.17 -2.32 15.28
N THR A 193 -1.53 -3.05 16.20
CA THR A 193 -0.10 -3.29 16.10
C THR A 193 0.25 -4.65 15.50
N ASP A 194 -0.70 -5.58 15.44
CA ASP A 194 -0.48 -6.88 14.81
C ASP A 194 -0.71 -6.73 13.30
N ASP A 195 0.21 -6.02 12.66
CA ASP A 195 0.08 -5.61 11.27
C ASP A 195 1.37 -5.94 10.55
N GLY A 196 1.24 -6.64 9.42
CA GLY A 196 2.43 -7.11 8.70
C GLY A 196 3.41 -6.03 8.35
N ARG A 197 2.92 -4.81 8.11
CA ARG A 197 3.83 -3.71 7.77
C ARG A 197 4.90 -3.53 8.85
N PHE A 198 4.54 -3.70 10.11
CA PHE A 198 5.46 -3.42 11.20
C PHE A 198 6.44 -4.58 11.41
N TYR A 199 5.99 -5.82 11.27
CA TYR A 199 6.92 -6.94 11.24
C TYR A 199 7.88 -6.81 10.07
N PHE A 200 7.35 -6.45 8.89
CA PHE A 200 8.16 -6.31 7.69
C PHE A 200 9.32 -5.34 7.92
N HIS A 201 9.02 -4.16 8.45
CA HIS A 201 10.03 -3.11 8.55
C HIS A 201 10.92 -3.29 9.77
N LEU A 202 10.43 -3.93 10.82
CA LEU A 202 11.29 -4.25 11.96
C LEU A 202 12.38 -5.23 11.53
N GLY A 203 12.00 -6.28 10.82
CA GLY A 203 13.00 -7.23 10.35
C GLY A 203 13.98 -6.62 9.37
N ASP A 204 13.48 -5.78 8.47
CA ASP A 204 14.38 -5.12 7.52
C ASP A 204 15.32 -4.16 8.25
N ALA A 205 14.78 -3.33 9.15
CA ALA A 205 15.64 -2.46 9.94
C ALA A 205 16.74 -3.25 10.65
N MET A 206 16.38 -4.40 11.22
N MET A 206 16.38 -4.41 11.20
CA MET A 206 17.37 -5.21 11.92
CA MET A 206 17.36 -5.21 11.91
C MET A 206 18.42 -5.77 10.96
C MET A 206 18.40 -5.80 10.97
N GLN A 207 17.98 -6.26 9.80
CA GLN A 207 18.94 -6.74 8.81
C GLN A 207 19.94 -5.65 8.43
N ARG A 208 19.46 -4.41 8.31
CA ARG A 208 20.33 -3.32 7.90
C ARG A 208 21.40 -3.01 8.94
N VAL A 209 21.11 -3.17 10.23
CA VAL A 209 22.07 -2.88 11.28
C VAL A 209 22.84 -4.13 11.72
N GLY A 210 22.60 -5.28 11.10
CA GLY A 210 23.33 -6.48 11.45
C GLY A 210 22.81 -7.20 12.67
N ASN A 211 21.54 -7.00 13.02
CA ASN A 211 20.92 -7.65 14.18
C ASN A 211 20.37 -9.00 13.73
N LYS A 212 21.01 -10.08 14.18
CA LYS A 212 20.67 -11.42 13.74
C LYS A 212 19.30 -11.89 14.21
N GLU A 213 18.63 -11.13 15.06
CA GLU A 213 17.28 -11.50 15.49
C GLU A 213 16.23 -11.16 14.45
N ALA A 214 16.63 -10.68 13.27
CA ALA A 214 15.67 -10.24 12.26
C ALA A 214 14.69 -11.36 11.90
N TYR A 215 15.21 -12.58 11.69
CA TYR A 215 14.34 -13.64 11.19
C TYR A 215 13.46 -14.25 12.26
N LYS A 216 13.76 -14.03 13.55
CA LYS A 216 12.81 -14.40 14.58
C LYS A 216 11.51 -13.61 14.43
N TRP A 217 11.60 -12.38 13.92
CA TRP A 217 10.42 -11.56 13.69
C TRP A 217 9.73 -11.90 12.37
N TYR A 218 10.51 -12.27 11.34
CA TYR A 218 9.89 -12.78 10.13
C TYR A 218 9.15 -14.08 10.41
N GLU A 219 9.73 -14.96 11.24
CA GLU A 219 9.05 -16.20 11.60
C GLU A 219 7.77 -15.93 12.37
N LEU A 220 7.81 -15.00 13.33
CA LEU A 220 6.61 -14.65 14.07
C LEU A 220 5.60 -13.96 13.16
N GLY A 221 6.08 -13.10 12.25
CA GLY A 221 5.19 -12.54 11.25
C GLY A 221 4.53 -13.62 10.42
N HIS A 222 5.29 -14.64 10.04
CA HIS A 222 4.72 -15.76 9.30
C HIS A 222 3.72 -16.52 10.16
N LYS A 223 4.03 -16.74 11.44
CA LYS A 223 3.13 -17.48 12.31
C LYS A 223 1.80 -16.76 12.48
N ARG A 224 1.82 -15.43 12.53
CA ARG A 224 0.61 -14.65 12.71
C ARG A 224 -0.15 -14.40 11.40
N GLY A 225 0.31 -14.99 10.30
CA GLY A 225 -0.40 -14.93 9.04
C GLY A 225 -0.13 -13.73 8.17
N HIS A 226 0.93 -12.96 8.45
CA HIS A 226 1.22 -11.79 7.65
C HIS A 226 2.10 -12.10 6.45
N PHE A 227 2.91 -13.15 6.51
CA PHE A 227 3.81 -13.53 5.43
C PHE A 227 3.51 -14.95 4.98
N ALA A 228 3.58 -15.19 3.67
CA ALA A 228 3.44 -16.56 3.17
C ALA A 228 4.57 -17.45 3.67
N SER A 229 5.75 -16.88 3.89
CA SER A 229 6.87 -17.58 4.47
C SER A 229 7.85 -16.52 4.97
N VAL A 230 8.89 -16.97 5.66
CA VAL A 230 9.89 -16.02 6.14
C VAL A 230 10.69 -15.44 4.98
N TRP A 231 10.72 -16.14 3.85
CA TRP A 231 11.43 -15.65 2.67
C TRP A 231 10.58 -14.71 1.82
N GLN A 232 9.28 -14.98 1.73
CA GLN A 232 8.36 -14.27 0.81
C GLN A 232 7.46 -13.40 1.67
N ARG A 233 7.76 -12.11 1.73
CA ARG A 233 7.17 -11.21 2.70
C ARG A 233 6.37 -10.08 2.07
N SER A 234 5.97 -10.22 0.80
CA SER A 234 5.07 -9.26 0.20
C SER A 234 3.75 -9.23 0.95
N LEU A 235 3.07 -8.07 0.90
CA LEU A 235 1.86 -7.85 1.68
C LEU A 235 0.62 -7.60 0.83
N TYR A 236 0.75 -7.54 -0.50
CA TYR A 236 -0.39 -7.37 -1.41
C TYR A 236 -0.43 -8.60 -2.30
N ASN A 237 -1.10 -9.65 -1.82
CA ASN A 237 -0.98 -10.97 -2.42
C ASN A 237 -2.32 -11.51 -2.88
N VAL A 238 -2.22 -12.48 -3.80
CA VAL A 238 -3.28 -13.44 -4.07
C VAL A 238 -2.78 -14.79 -3.55
N ASN A 239 -3.46 -15.32 -2.54
CA ASN A 239 -3.04 -16.58 -1.94
C ASN A 239 -3.14 -17.72 -2.95
N GLY A 240 -2.22 -18.68 -2.83
CA GLY A 240 -2.24 -19.89 -3.61
C GLY A 240 -1.35 -19.88 -4.84
N LEU A 241 -0.88 -18.71 -5.27
CA LEU A 241 -0.03 -18.66 -6.44
C LEU A 241 1.27 -19.42 -6.19
N LYS A 242 1.71 -20.17 -7.19
CA LYS A 242 2.97 -20.90 -7.11
C LYS A 242 4.08 -19.96 -6.64
N ALA A 243 4.79 -20.38 -5.59
CA ALA A 243 5.80 -19.57 -4.93
C ALA A 243 7.15 -20.26 -5.06
N GLN A 244 8.04 -19.67 -5.86
CA GLN A 244 9.41 -20.14 -5.94
C GLN A 244 10.30 -18.97 -6.35
N PRO A 245 11.52 -18.89 -5.83
CA PRO A 245 12.35 -17.71 -6.11
C PRO A 245 12.72 -17.54 -7.57
N TRP A 246 13.14 -18.62 -8.23
CA TRP A 246 13.67 -18.58 -9.58
C TRP A 246 12.77 -19.39 -10.51
N TRP A 247 12.48 -18.82 -11.68
CA TRP A 247 11.62 -19.44 -12.67
C TRP A 247 12.37 -19.61 -13.99
N THR A 248 12.06 -20.68 -14.70
CA THR A 248 12.50 -20.80 -16.09
C THR A 248 11.47 -20.20 -17.02
N PRO A 249 11.88 -19.78 -18.22
CA PRO A 249 10.89 -19.31 -19.20
C PRO A 249 9.74 -20.28 -19.41
N LYS A 250 10.02 -21.58 -19.53
CA LYS A 250 8.95 -22.55 -19.77
C LYS A 250 8.00 -22.62 -18.58
N GLU A 251 8.51 -22.53 -17.35
CA GLU A 251 7.64 -22.55 -16.19
C GLU A 251 6.66 -21.38 -16.21
N THR A 252 7.09 -20.23 -16.74
CA THR A 252 6.21 -19.07 -16.78
C THR A 252 5.17 -19.14 -17.89
N GLY A 253 5.43 -19.95 -18.94
CA GLY A 253 4.60 -19.96 -20.11
C GLY A 253 4.78 -18.78 -21.04
N TYR A 254 5.56 -17.78 -20.65
CA TYR A 254 5.79 -16.58 -21.45
C TYR A 254 6.99 -16.73 -22.37
N THR A 255 7.07 -17.88 -23.07
CA THR A 255 8.25 -18.18 -23.86
C THR A 255 8.38 -17.28 -25.07
N GLU A 256 7.26 -16.84 -25.66
CA GLU A 256 7.34 -15.95 -26.82
C GLU A 256 7.93 -14.60 -26.42
N LEU A 257 7.53 -14.07 -25.26
CA LEU A 257 8.11 -12.82 -24.78
C LEU A 257 9.60 -12.97 -24.54
N VAL A 258 10.01 -14.08 -23.91
CA VAL A 258 11.43 -14.30 -23.64
C VAL A 258 12.21 -14.41 -24.94
N LYS A 259 11.68 -15.16 -25.91
CA LYS A 259 12.34 -15.25 -27.22
C LYS A 259 12.52 -13.88 -27.84
N SER A 260 11.49 -13.05 -27.80
CA SER A 260 11.57 -11.74 -28.42
C SER A 260 12.62 -10.87 -27.73
N LEU A 261 12.70 -10.95 -26.40
CA LEU A 261 13.69 -10.16 -25.68
C LEU A 261 15.10 -10.61 -26.02
N GLU A 262 15.32 -11.92 -26.09
CA GLU A 262 16.66 -12.44 -26.34
C GLU A 262 17.06 -12.31 -27.81
N ARG A 263 16.12 -12.50 -28.73
CA ARG A 263 16.45 -12.36 -30.14
C ARG A 263 16.75 -10.91 -30.51
N ASN A 264 16.06 -9.97 -29.86
CA ASN A 264 16.15 -8.55 -30.20
C ASN A 264 16.91 -7.76 -29.14
N TRP A 265 17.75 -8.43 -28.35
CA TRP A 265 18.33 -7.76 -27.19
C TRP A 265 19.22 -6.59 -27.57
N LYS A 266 19.86 -6.65 -28.74
CA LYS A 266 20.83 -5.61 -29.07
C LYS A 266 20.15 -4.27 -29.37
N LEU A 267 18.95 -4.28 -29.95
CA LEU A 267 18.25 -3.01 -30.17
C LEU A 267 17.75 -2.43 -28.85
N ILE A 268 17.42 -3.28 -27.88
CA ILE A 268 17.03 -2.80 -26.56
C ILE A 268 18.21 -2.15 -25.86
N ARG A 269 19.36 -2.83 -25.86
CA ARG A 269 20.60 -2.24 -25.37
C ARG A 269 20.88 -0.89 -26.03
N ASP A 270 20.85 -0.85 -27.37
CA ASP A 270 21.32 0.34 -28.08
C ASP A 270 20.45 1.55 -27.77
N GLU A 271 19.14 1.37 -27.64
CA GLU A 271 18.30 2.51 -27.28
C GLU A 271 18.55 2.93 -25.83
N GLY A 272 18.90 1.97 -24.96
CA GLY A 272 19.26 2.34 -23.60
C GLY A 272 20.55 3.11 -23.52
N LEU A 273 21.56 2.70 -24.31
CA LEU A 273 22.82 3.42 -24.33
C LEU A 273 22.64 4.81 -24.95
N ALA A 274 21.76 4.92 -25.96
CA ALA A 274 21.51 6.24 -26.56
C ALA A 274 20.91 7.20 -25.54
N VAL A 275 19.98 6.72 -24.71
CA VAL A 275 19.42 7.55 -23.66
C VAL A 275 20.48 7.88 -22.62
N MET A 276 21.30 6.89 -22.25
CA MET A 276 22.42 7.16 -21.36
C MET A 276 23.29 8.30 -21.88
N ASP A 277 23.51 8.32 -23.20
CA ASP A 277 24.46 9.28 -23.78
C ASP A 277 23.81 10.63 -24.07
N LYS A 278 22.55 10.65 -24.50
CA LYS A 278 21.93 11.87 -25.00
C LYS A 278 20.69 12.31 -24.24
N ALA A 279 20.21 11.53 -23.28
CA ALA A 279 19.04 11.90 -22.52
C ALA A 279 19.16 11.33 -21.10
N LYS A 280 20.31 11.59 -20.48
CA LYS A 280 20.60 11.06 -19.15
C LYS A 280 19.46 11.29 -18.17
N GLY A 281 18.83 12.46 -18.25
CA GLY A 281 17.84 12.85 -17.27
C GLY A 281 16.62 11.95 -17.23
N LEU A 282 16.42 11.12 -18.26
CA LEU A 282 15.33 10.16 -18.23
C LEU A 282 15.59 9.03 -17.23
N PHE A 283 16.85 8.81 -16.86
CA PHE A 283 17.19 7.87 -15.80
C PHE A 283 17.02 8.56 -14.45
N LEU A 284 16.11 8.05 -13.62
CA LEU A 284 15.84 8.65 -12.33
C LEU A 284 16.45 7.80 -11.21
N PRO A 285 17.09 8.42 -10.22
CA PRO A 285 17.67 7.61 -9.13
C PRO A 285 16.61 6.82 -8.40
N GLU A 286 16.97 5.61 -7.99
CA GLU A 286 16.09 4.81 -7.14
C GLU A 286 15.74 5.60 -5.88
N ASP A 287 14.46 5.64 -5.55
CA ASP A 287 13.96 6.52 -4.49
C ASP A 287 13.13 5.79 -3.45
N GLU A 288 13.47 4.53 -3.15
CA GLU A 288 12.76 3.76 -2.13
C GLU A 288 13.67 3.37 -0.95
N ASN A 289 14.77 4.10 -0.77
CA ASN A 289 15.73 3.86 0.32
C ASN A 289 16.24 2.42 0.35
N LEU A 290 16.42 1.83 -0.82
CA LEU A 290 16.84 0.43 -0.90
C LEU A 290 18.36 0.25 -0.92
N ARG A 291 19.14 1.31 -1.11
CA ARG A 291 20.58 1.19 -1.23
C ARG A 291 21.27 1.42 0.12
N GLU A 292 22.28 0.59 0.39
CA GLU A 292 23.26 0.96 1.42
C GLU A 292 24.17 2.06 0.91
N LYS A 293 24.55 1.99 -0.37
CA LYS A 293 25.53 2.86 -0.97
C LYS A 293 25.48 2.65 -2.47
N GLY A 294 26.02 3.61 -3.22
CA GLY A 294 26.20 3.45 -4.64
C GLY A 294 25.18 4.22 -5.46
N ASP A 295 25.26 4.00 -6.77
CA ASP A 295 24.46 4.72 -7.75
C ASP A 295 23.64 3.74 -8.56
N TRP A 296 22.32 3.99 -8.62
CA TRP A 296 21.36 3.07 -9.21
C TRP A 296 20.20 3.92 -9.71
N SER A 297 19.94 3.85 -11.01
CA SER A 297 18.91 4.69 -11.63
C SER A 297 18.13 3.85 -12.64
N GLN A 298 16.90 4.28 -12.91
CA GLN A 298 16.00 3.53 -13.76
C GLN A 298 15.26 4.46 -14.69
N PHE A 299 15.04 3.98 -15.92
CA PHE A 299 14.40 4.72 -17.02
C PHE A 299 13.16 3.92 -17.39
N THR A 300 11.99 4.38 -16.95
CA THR A 300 10.79 3.56 -16.93
C THR A 300 9.92 3.83 -18.16
N LEU A 301 9.59 2.75 -18.86
CA LEU A 301 8.75 2.79 -20.05
C LEU A 301 7.28 2.55 -19.74
N TRP A 302 6.98 1.58 -18.87
CA TRP A 302 5.63 1.32 -18.39
C TRP A 302 5.64 1.26 -16.86
N GLN A 303 4.56 1.76 -16.25
CA GLN A 303 4.33 1.57 -14.83
C GLN A 303 2.82 1.49 -14.60
N GLN A 304 2.41 0.60 -13.70
CA GLN A 304 1.00 0.36 -13.42
C GLN A 304 0.23 0.10 -14.71
N GLY A 305 0.87 -0.62 -15.63
CA GLY A 305 0.23 -0.96 -16.88
C GLY A 305 -0.05 0.20 -17.80
N ARG A 306 0.59 1.35 -17.57
CA ARG A 306 0.41 2.54 -18.39
C ARG A 306 1.72 2.91 -19.07
N ARG A 307 1.66 3.08 -20.38
CA ARG A 307 2.83 3.49 -21.16
C ARG A 307 3.14 4.96 -20.89
N ASN A 308 4.41 5.25 -20.66
CA ASN A 308 4.88 6.63 -20.56
C ASN A 308 5.28 7.06 -21.97
N GLU A 309 4.40 7.83 -22.63
CA GLU A 309 4.63 8.18 -24.02
C GLU A 309 5.95 8.93 -24.21
N ASN A 310 6.24 9.90 -23.34
CA ASN A 310 7.47 10.66 -23.50
C ASN A 310 8.70 9.78 -23.33
N ALA A 311 8.65 8.87 -22.35
CA ALA A 311 9.77 7.94 -22.18
C ALA A 311 9.95 7.09 -23.43
N CYS A 312 8.84 6.62 -24.02
CA CYS A 312 8.93 5.78 -25.21
C CYS A 312 9.47 6.53 -26.43
N LYS A 313 9.40 7.86 -26.43
CA LYS A 313 10.10 8.60 -27.48
C LYS A 313 11.60 8.35 -27.42
N GLY A 314 12.12 8.00 -26.24
CA GLY A 314 13.52 7.71 -26.07
C GLY A 314 13.93 6.28 -26.33
N ALA A 315 12.95 5.38 -26.40
CA ALA A 315 13.19 3.97 -26.76
C ALA A 315 12.04 3.50 -27.65
N PRO A 316 11.87 4.13 -28.81
CA PRO A 316 10.68 3.87 -29.62
C PRO A 316 10.58 2.44 -30.14
N LYS A 317 11.71 1.87 -30.59
CA LYS A 317 11.66 0.52 -31.13
C LYS A 317 11.39 -0.51 -30.04
N THR A 318 11.97 -0.29 -28.86
CA THR A 318 11.72 -1.18 -27.72
C THR A 318 10.26 -1.12 -27.29
N CYS A 319 9.68 0.08 -27.25
CA CYS A 319 8.26 0.18 -26.89
C CYS A 319 7.38 -0.47 -27.94
N THR A 320 7.72 -0.31 -29.22
CA THR A 320 6.97 -0.98 -30.27
C THR A 320 7.05 -2.50 -30.11
N LEU A 321 8.26 -3.01 -29.85
CA LEU A 321 8.44 -4.45 -29.68
C LEU A 321 7.58 -4.99 -28.55
N LEU A 322 7.53 -4.28 -27.43
CA LEU A 322 6.84 -4.78 -26.24
C LEU A 322 5.33 -4.65 -26.34
N GLU A 323 4.83 -3.76 -27.19
CA GLU A 323 3.38 -3.58 -27.34
C GLU A 323 2.66 -4.88 -27.68
N LYS A 324 3.38 -5.87 -28.21
CA LYS A 324 2.77 -7.14 -28.59
C LYS A 324 2.57 -8.09 -27.43
N PHE A 325 2.95 -7.70 -26.20
CA PHE A 325 2.95 -8.59 -25.05
C PHE A 325 2.17 -7.96 -23.90
N PRO A 326 0.85 -8.05 -23.92
CA PRO A 326 0.06 -7.47 -22.82
C PRO A 326 0.29 -8.15 -21.48
N GLU A 327 0.87 -9.36 -21.47
CA GLU A 327 1.24 -9.97 -20.21
C GLU A 327 2.21 -9.10 -19.42
N THR A 328 2.95 -8.21 -20.08
CA THR A 328 3.78 -7.23 -19.37
C THR A 328 3.27 -5.80 -19.51
N THR A 329 2.85 -5.35 -20.70
CA THR A 329 2.37 -3.97 -20.81
C THR A 329 1.12 -3.74 -20.00
N GLY A 330 0.31 -4.79 -19.79
CA GLY A 330 -0.87 -4.71 -18.97
C GLY A 330 -0.70 -5.14 -17.53
N CYS A 331 0.53 -5.45 -17.11
CA CYS A 331 0.78 -5.81 -15.72
C CYS A 331 0.72 -4.55 -14.87
N ARG A 332 -0.44 -4.30 -14.27
CA ARG A 332 -0.64 -3.10 -13.46
C ARG A 332 0.01 -3.20 -12.09
N ARG A 333 0.68 -4.32 -11.78
CA ARG A 333 1.47 -4.47 -10.56
C ARG A 333 2.95 -4.67 -10.88
N GLY A 334 3.41 -4.12 -12.01
CA GLY A 334 4.81 -4.23 -12.39
C GLY A 334 5.23 -3.05 -13.24
N GLN A 335 6.47 -3.08 -13.70
CA GLN A 335 7.01 -2.05 -14.56
C GLN A 335 7.76 -2.67 -15.73
N ILE A 336 8.06 -1.83 -16.71
CA ILE A 336 9.01 -2.10 -17.79
C ILE A 336 10.01 -0.96 -17.75
N LYS A 337 11.28 -1.26 -17.51
CA LYS A 337 12.24 -0.19 -17.27
C LYS A 337 13.67 -0.68 -17.49
N TYR A 338 14.52 0.24 -17.97
CA TYR A 338 15.96 0.04 -17.92
C TYR A 338 16.45 0.30 -16.50
N SER A 339 17.51 -0.41 -16.12
CA SER A 339 18.10 -0.23 -14.79
C SER A 339 19.61 -0.23 -14.92
N ILE A 340 20.24 0.89 -14.59
CA ILE A 340 21.69 1.01 -14.59
C ILE A 340 22.17 1.03 -13.15
N MET A 341 23.20 0.23 -12.85
CA MET A 341 23.82 0.18 -11.54
C MET A 341 25.33 0.26 -11.73
N HIS A 342 25.98 1.10 -10.92
CA HIS A 342 27.40 1.38 -11.07
C HIS A 342 28.21 0.72 -9.95
N PRO A 343 29.52 0.61 -10.11
CA PRO A 343 30.35 0.00 -9.07
C PRO A 343 30.23 0.73 -7.74
N GLY A 344 30.45 -0.01 -6.66
CA GLY A 344 30.28 0.52 -5.33
C GLY A 344 28.86 0.53 -4.82
N THR A 345 27.97 -0.26 -5.43
CA THR A 345 26.56 -0.29 -5.07
C THR A 345 26.24 -1.59 -4.35
N HIS A 346 25.48 -1.46 -3.27
CA HIS A 346 24.93 -2.61 -2.55
C HIS A 346 23.48 -2.30 -2.21
N VAL A 347 22.57 -3.17 -2.66
CA VAL A 347 21.14 -3.03 -2.38
C VAL A 347 20.82 -3.94 -1.19
N TRP A 348 20.26 -3.34 -0.14
CA TRP A 348 19.95 -4.11 1.05
C TRP A 348 19.03 -5.28 0.71
N PRO A 349 19.06 -6.36 1.48
CA PRO A 349 18.02 -7.38 1.39
C PRO A 349 16.65 -6.73 1.50
N HIS A 350 15.74 -7.14 0.61
CA HIS A 350 14.40 -6.55 0.59
C HIS A 350 13.49 -7.44 -0.24
N THR A 351 12.18 -7.17 -0.13
CA THR A 351 11.20 -7.81 -0.99
C THR A 351 10.32 -6.74 -1.63
N GLY A 352 9.73 -7.10 -2.77
CA GLY A 352 8.75 -6.26 -3.40
C GLY A 352 7.41 -6.33 -2.72
N PRO A 353 6.46 -5.56 -3.25
CA PRO A 353 5.17 -5.40 -2.55
C PRO A 353 4.16 -6.51 -2.81
N THR A 354 4.31 -7.30 -3.87
CA THR A 354 3.24 -8.18 -4.30
C THR A 354 3.77 -9.49 -4.87
N ASN A 355 3.04 -10.57 -4.62
CA ASN A 355 3.33 -11.86 -5.25
C ASN A 355 2.63 -12.02 -6.60
N CYS A 356 1.96 -10.97 -7.08
CA CYS A 356 1.18 -11.05 -8.30
C CYS A 356 1.99 -10.83 -9.58
N ARG A 357 3.29 -10.58 -9.46
CA ARG A 357 4.13 -10.39 -10.63
C ARG A 357 5.35 -11.29 -10.55
N LEU A 358 5.90 -11.59 -11.73
CA LEU A 358 7.22 -12.17 -11.89
C LEU A 358 8.09 -11.16 -12.63
N ARG A 359 9.37 -11.13 -12.30
CA ARG A 359 10.29 -10.11 -12.79
C ARG A 359 11.33 -10.74 -13.71
N MET A 360 11.37 -10.26 -14.95
CA MET A 360 12.39 -10.67 -15.92
C MET A 360 13.50 -9.64 -15.98
N HIS A 361 14.74 -10.12 -16.00
CA HIS A 361 15.92 -9.29 -16.21
C HIS A 361 16.57 -9.71 -17.51
N LEU A 362 16.68 -8.78 -18.46
CA LEU A 362 17.43 -9.01 -19.69
C LEU A 362 18.79 -8.32 -19.57
N GLY A 363 19.86 -9.10 -19.69
CA GLY A 363 21.19 -8.53 -19.61
C GLY A 363 21.52 -7.74 -20.86
N LEU A 364 21.96 -6.50 -20.68
CA LEU A 364 22.31 -5.63 -21.80
C LEU A 364 23.80 -5.29 -21.84
N VAL A 365 24.35 -4.76 -20.74
CA VAL A 365 25.78 -4.55 -20.60
C VAL A 365 26.18 -5.11 -19.25
N ILE A 366 26.86 -6.24 -19.24
CA ILE A 366 27.21 -6.93 -18.00
C ILE A 366 28.73 -7.06 -17.91
N PRO A 367 29.39 -6.33 -17.02
CA PRO A 367 30.81 -6.59 -16.77
C PRO A 367 31.05 -8.06 -16.47
N LYS A 368 32.24 -8.55 -16.84
CA LYS A 368 32.52 -9.97 -16.69
C LYS A 368 32.58 -10.40 -15.24
N GLU A 369 32.91 -9.49 -14.32
CA GLU A 369 32.96 -9.81 -12.90
C GLU A 369 32.31 -8.71 -12.09
N GLY A 370 31.86 -9.07 -10.89
CA GLY A 370 31.49 -8.12 -9.87
C GLY A 370 30.01 -7.87 -9.67
N CYS A 371 29.17 -8.32 -10.59
CA CYS A 371 27.73 -8.09 -10.49
C CYS A 371 27.02 -9.40 -10.21
N LYS A 372 26.18 -9.41 -9.17
CA LYS A 372 25.41 -10.60 -8.86
C LYS A 372 24.13 -10.21 -8.13
N ILE A 373 23.15 -11.11 -8.18
CA ILE A 373 21.86 -10.90 -7.56
C ILE A 373 21.47 -12.18 -6.80
N ARG A 374 21.10 -12.02 -5.54
CA ARG A 374 20.56 -13.12 -4.75
C ARG A 374 19.04 -12.99 -4.66
N CYS A 375 18.36 -14.11 -4.80
CA CYS A 375 16.93 -14.21 -4.49
C CYS A 375 16.73 -15.45 -3.63
N ALA A 376 16.21 -15.24 -2.43
CA ALA A 376 16.08 -16.32 -1.43
C ALA A 376 17.49 -16.83 -1.15
N ASN A 377 17.75 -18.14 -1.26
CA ASN A 377 19.02 -18.73 -0.89
C ASN A 377 19.97 -18.91 -2.07
N GLU A 378 19.67 -18.33 -3.23
CA GLU A 378 20.43 -18.60 -4.43
C GLU A 378 20.85 -17.32 -5.11
N THR A 379 22.13 -17.22 -5.44
CA THR A 379 22.72 -16.06 -6.08
C THR A 379 23.06 -16.41 -7.52
N LYS A 380 22.85 -15.46 -8.43
CA LYS A 380 23.06 -15.67 -9.85
C LYS A 380 23.69 -14.44 -10.45
N THR A 381 24.15 -14.58 -11.68
CA THR A 381 24.72 -13.50 -12.47
C THR A 381 23.91 -13.32 -13.74
N TRP A 382 23.99 -12.12 -14.31
CA TRP A 382 23.35 -11.84 -15.59
C TRP A 382 24.28 -12.22 -16.74
N GLU A 383 23.68 -12.45 -17.90
CA GLU A 383 24.40 -12.64 -19.15
C GLU A 383 23.80 -11.70 -20.19
N GLU A 384 24.67 -11.09 -21.00
CA GLU A 384 24.20 -10.21 -22.06
C GLU A 384 23.37 -10.99 -23.07
N GLY A 385 22.17 -10.50 -23.35
CA GLY A 385 21.27 -11.16 -24.27
C GLY A 385 20.47 -12.29 -23.69
N LYS A 386 20.51 -12.50 -22.38
CA LYS A 386 19.82 -13.62 -21.75
C LYS A 386 18.90 -13.11 -20.65
N VAL A 387 17.78 -13.81 -20.46
CA VAL A 387 16.75 -13.42 -19.50
C VAL A 387 16.88 -14.29 -18.26
N LEU A 388 16.92 -13.63 -17.09
CA LEU A 388 16.70 -14.25 -15.80
C LEU A 388 15.28 -13.93 -15.34
N ILE A 389 14.65 -14.86 -14.64
CA ILE A 389 13.30 -14.68 -14.13
C ILE A 389 13.27 -15.06 -12.67
N PHE A 390 12.83 -14.15 -11.81
CA PHE A 390 12.67 -14.43 -10.40
C PHE A 390 11.42 -13.76 -9.87
N ASP A 391 11.00 -14.21 -8.69
CA ASP A 391 9.84 -13.69 -7.97
C ASP A 391 10.38 -12.77 -6.89
N ASP A 392 10.28 -11.46 -7.11
CA ASP A 392 10.86 -10.51 -6.18
C ASP A 392 9.98 -10.24 -4.96
N SER A 393 8.90 -11.01 -4.79
CA SER A 393 8.26 -11.08 -3.49
C SER A 393 9.09 -11.91 -2.52
N PHE A 394 10.04 -12.69 -3.03
CA PHE A 394 11.08 -13.30 -2.22
C PHE A 394 12.22 -12.31 -2.00
N GLU A 395 12.86 -12.41 -0.83
CA GLU A 395 13.93 -11.49 -0.48
C GLU A 395 15.03 -11.51 -1.53
N ALA A 396 15.43 -10.32 -1.98
CA ALA A 396 16.51 -10.17 -2.96
C ALA A 396 17.56 -9.21 -2.43
N GLU A 397 18.79 -9.39 -2.93
CA GLU A 397 19.93 -8.55 -2.55
C GLU A 397 20.83 -8.44 -3.76
N VAL A 398 21.44 -7.27 -3.96
CA VAL A 398 22.20 -7.00 -5.18
C VAL A 398 23.52 -6.33 -4.83
N TRP A 399 24.56 -6.68 -5.58
CA TRP A 399 25.89 -6.11 -5.45
C TRP A 399 26.40 -5.70 -6.83
N GLN A 400 27.13 -4.59 -6.88
CA GLN A 400 27.82 -4.15 -8.10
C GLN A 400 29.24 -3.74 -7.69
N ASP A 401 30.20 -4.64 -7.90
CA ASP A 401 31.59 -4.41 -7.57
C ASP A 401 32.48 -4.60 -8.79
N ALA A 402 31.98 -4.18 -9.95
CA ALA A 402 32.73 -4.25 -11.19
C ALA A 402 33.59 -2.99 -11.32
N SER A 403 34.10 -2.75 -12.53
CA SER A 403 34.89 -1.54 -12.82
C SER A 403 34.23 -0.69 -13.89
N SER A 404 32.96 -0.94 -14.20
CA SER A 404 32.21 -0.16 -15.18
C SER A 404 30.73 -0.43 -14.95
N PHE A 405 29.88 0.24 -15.72
CA PHE A 405 28.45 0.22 -15.47
C PHE A 405 27.82 -1.10 -15.89
N ARG A 406 26.69 -1.43 -15.25
CA ARG A 406 25.91 -2.63 -15.53
C ARG A 406 24.50 -2.20 -15.91
N LEU A 407 24.09 -2.51 -17.13
CA LEU A 407 22.77 -2.14 -17.65
C LEU A 407 21.94 -3.39 -17.89
N ILE A 408 20.72 -3.40 -17.35
CA ILE A 408 19.77 -4.47 -17.60
C ILE A 408 18.44 -3.86 -18.04
N PHE A 409 17.58 -4.71 -18.58
CA PHE A 409 16.22 -4.35 -18.95
C PHE A 409 15.26 -5.20 -18.12
N ILE A 410 14.36 -4.54 -17.42
CA ILE A 410 13.47 -5.19 -16.45
C ILE A 410 12.06 -5.23 -17.04
N VAL A 411 11.47 -6.42 -17.09
CA VAL A 411 10.16 -6.63 -17.67
C VAL A 411 9.33 -7.46 -16.71
N ASP A 412 8.34 -6.83 -16.08
CA ASP A 412 7.46 -7.52 -15.15
C ASP A 412 6.28 -8.11 -15.88
N VAL A 413 5.90 -9.32 -15.50
CA VAL A 413 4.73 -9.99 -16.07
C VAL A 413 3.81 -10.40 -14.92
N TRP A 414 2.51 -10.45 -15.23
CA TRP A 414 1.54 -11.06 -14.33
C TRP A 414 2.00 -12.47 -13.96
N HIS A 415 1.82 -12.84 -12.70
CA HIS A 415 1.99 -14.23 -12.33
C HIS A 415 1.14 -15.11 -13.25
N PRO A 416 1.71 -16.16 -13.85
CA PRO A 416 0.96 -16.89 -14.88
C PRO A 416 -0.32 -17.54 -14.40
N GLU A 417 -0.43 -17.87 -13.12
CA GLU A 417 -1.62 -18.54 -12.60
C GLU A 417 -2.73 -17.56 -12.23
N LEU A 418 -2.53 -16.26 -12.42
CA LEU A 418 -3.61 -15.29 -12.23
C LEU A 418 -4.57 -15.34 -13.41
N THR A 419 -5.86 -15.35 -13.12
CA THR A 419 -6.87 -15.44 -14.16
C THR A 419 -6.97 -14.12 -14.92
N PRO A 420 -7.55 -14.13 -16.12
CA PRO A 420 -7.84 -12.87 -16.80
C PRO A 420 -8.69 -11.92 -15.96
N GLN A 421 -9.67 -12.44 -15.22
CA GLN A 421 -10.51 -11.58 -14.40
C GLN A 421 -9.70 -10.94 -13.27
N GLN A 422 -8.84 -11.71 -12.61
CA GLN A 422 -7.95 -11.14 -11.61
C GLN A 422 -7.05 -10.08 -12.23
N ARG A 423 -6.50 -10.34 -13.42
CA ARG A 423 -5.62 -9.37 -14.05
C ARG A 423 -6.34 -8.07 -14.35
N ARG A 424 -7.65 -8.11 -14.53
CA ARG A 424 -8.42 -6.90 -14.77
C ARG A 424 -8.87 -6.22 -13.48
N SER A 425 -9.01 -6.98 -12.39
CA SER A 425 -9.64 -6.46 -11.18
C SER A 425 -8.66 -5.99 -10.12
N LEU A 426 -7.49 -6.62 -10.02
CA LEU A 426 -6.57 -6.28 -8.94
C LEU A 426 -6.22 -4.79 -8.99
N PRO A 427 -6.26 -4.07 -7.87
CA PRO A 427 -5.82 -2.67 -7.89
C PRO A 427 -4.35 -2.55 -8.26
N ALA A 428 -4.05 -1.49 -9.01
CA ALA A 428 -2.68 -1.28 -9.48
C ALA A 428 -1.72 -1.07 -8.32
N ILE A 429 -0.47 -1.47 -8.52
CA ILE A 429 0.59 -1.19 -7.56
C ILE A 429 1.83 -0.69 -8.30
N GLY B 14 3.67 8.56 -3.12
CA GLY B 14 4.74 7.68 -3.56
C GLY B 14 4.24 6.28 -3.88
N LYS B 15 4.88 5.64 -4.86
CA LYS B 15 4.47 4.33 -5.32
C LYS B 15 5.46 3.27 -4.85
N CYS B 16 4.94 2.07 -4.58
CA CYS B 16 5.76 0.92 -4.25
C CYS B 16 6.16 0.25 -5.55
N LYS B 17 7.39 0.49 -5.99
CA LYS B 17 7.83 -0.03 -7.28
C LYS B 17 8.70 -1.26 -7.08
N ASP B 18 9.88 -1.09 -6.48
CA ASP B 18 10.76 -2.20 -6.17
C ASP B 18 10.67 -2.65 -4.71
N GLY B 19 10.07 -1.85 -3.85
CA GLY B 19 10.02 -2.16 -2.43
C GLY B 19 8.65 -1.97 -1.84
N LEU B 20 8.59 -1.81 -0.52
CA LEU B 20 7.34 -1.78 0.23
C LEU B 20 7.44 -0.74 1.34
N GLY B 21 7.82 0.47 0.96
CA GLY B 21 8.16 1.51 1.91
C GLY B 21 7.06 2.49 2.23
N GLU B 22 5.99 2.49 1.44
CA GLU B 22 4.86 3.36 1.69
C GLU B 22 3.90 2.73 2.69
N TYR B 23 3.20 3.59 3.43
CA TYR B 23 2.20 3.09 4.37
C TYR B 23 1.16 2.23 3.65
N THR B 24 0.73 2.66 2.47
CA THR B 24 -0.14 1.86 1.61
C THR B 24 0.37 1.98 0.18
N CYS B 25 0.29 0.87 -0.55
CA CYS B 25 0.77 0.83 -1.93
C CYS B 25 -0.34 0.93 -2.96
N THR B 26 -1.60 0.80 -2.56
CA THR B 26 -2.73 0.89 -3.47
C THR B 26 -3.49 2.18 -3.22
N SER B 27 -4.25 2.58 -4.23
CA SER B 27 -5.07 3.78 -4.16
C SER B 27 -6.48 3.42 -3.71
N LEU B 28 -7.15 4.40 -3.12
CA LEU B 28 -8.52 4.24 -2.65
C LEU B 28 -9.47 4.94 -3.62
N GLU B 29 -10.33 4.15 -4.27
CA GLU B 29 -11.29 4.68 -5.23
C GLU B 29 -12.70 4.14 -4.94
N GLY B 30 -13.02 3.94 -3.67
CA GLY B 30 -14.34 3.46 -3.32
C GLY B 30 -14.61 2.09 -3.93
N PHE B 31 -15.89 1.83 -4.19
CA PHE B 31 -16.30 0.58 -4.81
C PHE B 31 -15.71 0.44 -6.21
#